data_4F7E
#
_entry.id   4F7E
#
_cell.length_a   55.785
_cell.length_b   74.479
_cell.length_c   122.917
_cell.angle_alpha   90.000
_cell.angle_beta   90.000
_cell.angle_gamma   90.000
#
_symmetry.space_group_name_H-M   'P 21 21 21'
#
loop_
_entity.id
_entity.type
_entity.pdbx_description
1 polymer 'CD1D antigen, d polypeptide'
2 polymer Beta-2-microglobulin
3 branched 2-acetamido-2-deoxy-beta-D-glucopyranose-(1-4)-2-acetamido-2-deoxy-beta-D-glucopyranose
4 non-polymer N-[(2S,3S,4R)-1-(alpha-D-galactopyranosyloxy)-3,4-dihydroxyoctadecan-2-yl]hexadecanamide
5 non-polymer 2-acetamido-2-deoxy-beta-D-glucopyranose
6 non-polymer 'SULFATE ION'
7 water water
#
loop_
_entity_poly.entity_id
_entity_poly.type
_entity_poly.pdbx_seq_one_letter_code
_entity_poly.pdbx_strand_id
1 'polypeptide(L)'
;SPAPQTPFSFQGLQISSFANRSWTRTDGLAWLGELQPYTWRNESDTIRFLKPWSRGTFSDQQWEQLQHTLLVYRSSFTRD
IWEFVEKLHVEYPLEIQIATGCELLPRNISESFLRAAFQGRDVLSFQGMSWVSAPDAPPFIQEVIKVLNQNQGTKETVHW
LLHDIWPELVRGVLQTGKSELEKQVKPEAWLSSGPSPGPGRLLLVCHVSGFYPKPVRVMWMRGEQEEPGTRQGDVMPNAD
STWYLRVTLDVAAGEVAGLSCQVKHSSLGDQDIILYWHHHHHH
;
A
2 'polypeptide(L)'
;IQRPPKIQVYSRHPPEDGKPNYLNCYVYGFHPPQIEIDLLKNGEKIKSEQSDLSFSKDWSFYLLSHAEFTPNSKDQYSCR
VKHVTLEQPRIVKWDRDL
;
B
#
# COMPACT_ATOMS: atom_id res chain seq x y z
N PHE A 8 13.84 -2.98 -8.70
CA PHE A 8 12.99 -1.89 -8.13
C PHE A 8 12.29 -1.06 -9.21
N SER A 9 11.02 -1.35 -9.48
CA SER A 9 10.23 -0.59 -10.44
C SER A 9 9.71 0.74 -9.85
N PHE A 10 9.33 1.67 -10.72
CA PHE A 10 8.80 2.96 -10.29
C PHE A 10 7.32 3.10 -10.63
N GLN A 11 6.54 3.58 -9.66
CA GLN A 11 5.10 3.76 -9.83
C GLN A 11 4.68 5.12 -9.32
N GLY A 12 4.16 5.94 -10.23
CA GLY A 12 3.53 7.19 -9.86
C GLY A 12 2.04 6.94 -9.80
N LEU A 13 1.40 7.43 -8.73
CA LEU A 13 0.02 7.08 -8.42
C LEU A 13 -0.86 8.31 -8.18
N GLN A 14 -2.00 8.37 -8.86
CA GLN A 14 -2.95 9.47 -8.73
C GLN A 14 -4.30 8.98 -8.21
N ILE A 15 -4.81 9.67 -7.19
CA ILE A 15 -6.13 9.35 -6.65
C ILE A 15 -6.96 10.63 -6.72
N SER A 16 -8.01 10.58 -7.52
CA SER A 16 -8.84 11.74 -7.75
C SER A 16 -10.29 11.45 -7.34
N SER A 17 -10.81 12.27 -6.43
CA SER A 17 -12.21 12.14 -5.99
C SER A 17 -13.05 13.34 -6.43
N PHE A 18 -14.09 13.05 -7.21
CA PHE A 18 -15.08 14.03 -7.59
C PHE A 18 -16.39 13.63 -6.94
N ALA A 19 -16.77 14.35 -5.89
CA ALA A 19 -17.97 14.04 -5.12
C ALA A 19 -19.20 14.74 -5.71
N ASN A 20 -19.19 16.08 -5.64
CA ASN A 20 -20.12 16.89 -6.40
C ASN A 20 -19.36 17.73 -7.43
N ARG A 21 -19.61 19.04 -7.47
CA ARG A 21 -18.99 19.90 -8.47
C ARG A 21 -18.28 21.08 -7.77
N SER A 22 -18.54 21.22 -6.48
CA SER A 22 -17.89 22.24 -5.66
C SER A 22 -16.71 21.61 -4.93
N TRP A 23 -16.70 20.28 -4.86
CA TRP A 23 -15.77 19.55 -4.02
C TRP A 23 -15.11 18.43 -4.77
N THR A 24 -13.83 18.61 -5.04
CA THR A 24 -13.01 17.56 -5.63
C THR A 24 -11.63 17.59 -4.99
N ARG A 25 -10.98 16.44 -4.93
CA ARG A 25 -9.58 16.43 -4.54
C ARG A 25 -8.77 15.44 -5.37
N THR A 26 -7.51 15.79 -5.60
CA THR A 26 -6.59 14.92 -6.34
C THR A 26 -5.29 14.78 -5.54
N ASP A 27 -4.94 13.54 -5.19
CA ASP A 27 -3.68 13.27 -4.47
C ASP A 27 -2.70 12.41 -5.28
N GLY A 28 -1.42 12.70 -5.13
CA GLY A 28 -0.37 11.93 -5.76
C GLY A 28 0.66 11.41 -4.79
N LEU A 29 1.25 10.28 -5.17
CA LEU A 29 2.36 9.70 -4.44
C LEU A 29 3.12 8.77 -5.41
N ALA A 30 4.36 8.45 -5.08
CA ALA A 30 5.17 7.60 -5.97
C ALA A 30 6.01 6.63 -5.17
N TRP A 31 6.07 5.40 -5.66
CA TRP A 31 6.88 4.32 -5.08
C TRP A 31 8.06 4.01 -5.96
N LEU A 32 9.19 3.75 -5.33
CA LEU A 32 10.34 3.20 -6.00
C LEU A 32 10.73 1.99 -5.17
N GLY A 33 10.66 0.80 -5.78
CA GLY A 33 10.72 -0.45 -5.04
C GLY A 33 9.59 -0.34 -4.03
N GLU A 34 9.90 -0.63 -2.77
CA GLU A 34 8.93 -0.58 -1.67
C GLU A 34 8.84 0.81 -1.00
N LEU A 35 9.76 1.71 -1.31
CA LEU A 35 9.89 2.99 -0.64
C LEU A 35 9.17 4.10 -1.37
N GLN A 36 8.71 5.10 -0.60
CA GLN A 36 7.88 6.19 -1.10
C GLN A 36 8.69 7.47 -1.14
N PRO A 37 9.31 7.79 -2.30
CA PRO A 37 10.14 8.99 -2.25
C PRO A 37 9.41 10.32 -2.47
N TYR A 38 8.14 10.25 -2.88
CA TYR A 38 7.35 11.45 -3.16
C TYR A 38 5.93 11.38 -2.63
N THR A 39 5.40 12.55 -2.26
CA THR A 39 3.96 12.75 -2.09
C THR A 39 3.52 14.06 -2.75
N TRP A 40 2.27 14.13 -3.17
CA TRP A 40 1.75 15.38 -3.72
C TRP A 40 0.29 15.58 -3.29
N ARG A 41 0.14 16.25 -2.15
CA ARG A 41 -1.19 16.53 -1.55
C ARG A 41 -2.01 17.56 -2.33
N ASN A 42 -3.31 17.33 -2.47
CA ASN A 42 -4.21 18.35 -3.06
C ASN A 42 -3.95 19.77 -2.56
N GLU A 43 -3.73 19.95 -1.25
CA GLU A 43 -3.53 21.30 -0.65
C GLU A 43 -2.30 22.04 -1.16
N SER A 44 -1.45 21.32 -1.88
CA SER A 44 -0.10 21.77 -2.19
C SER A 44 0.11 21.95 -3.69
N ASP A 45 0.78 23.04 -4.06
CA ASP A 45 1.12 23.28 -5.45
C ASP A 45 2.45 22.65 -5.84
N THR A 46 3.12 22.02 -4.88
CA THR A 46 4.42 21.42 -5.13
C THR A 46 4.52 20.02 -4.53
N ILE A 47 5.18 19.12 -5.26
CA ILE A 47 5.51 17.78 -4.79
C ILE A 47 6.48 17.96 -3.63
N ARG A 48 6.46 16.99 -2.73
CA ARG A 48 7.39 16.95 -1.60
C ARG A 48 8.32 15.75 -1.73
N PHE A 49 9.61 15.99 -1.54
CA PHE A 49 10.64 14.96 -1.42
C PHE A 49 10.67 14.38 -0.02
N LEU A 50 10.41 13.09 0.12
CA LEU A 50 10.36 12.50 1.48
C LEU A 50 11.69 11.94 1.98
N LYS A 51 12.69 11.87 1.10
CA LYS A 51 14.00 11.28 1.42
C LYS A 51 15.07 12.21 0.88
N PRO A 52 16.31 12.12 1.45
CA PRO A 52 17.40 12.96 0.94
C PRO A 52 17.79 12.57 -0.49
N TRP A 53 17.55 11.32 -0.86
CA TRP A 53 17.85 10.84 -2.22
C TRP A 53 16.74 11.03 -3.22
N SER A 54 15.60 11.54 -2.77
CA SER A 54 14.41 11.73 -3.62
C SER A 54 14.63 12.62 -4.85
N ARG A 55 15.53 13.59 -4.75
CA ARG A 55 15.75 14.54 -5.84
C ARG A 55 16.47 13.92 -7.04
N GLY A 56 17.08 12.75 -6.85
CA GLY A 56 17.75 12.04 -7.93
C GLY A 56 18.89 12.84 -8.53
N THR A 57 19.08 12.73 -9.84
CA THR A 57 20.11 13.51 -10.54
C THR A 57 19.53 14.70 -11.29
N PHE A 58 18.20 14.76 -11.34
CA PHE A 58 17.52 15.92 -11.88
C PHE A 58 18.01 17.20 -11.21
N SER A 59 18.16 18.25 -12.01
CA SER A 59 18.50 19.59 -11.54
C SER A 59 17.23 20.28 -11.03
N ASP A 60 17.41 21.39 -10.32
CA ASP A 60 16.26 22.13 -9.77
C ASP A 60 15.38 22.67 -10.88
N GLN A 61 15.99 22.91 -12.04
CA GLN A 61 15.27 23.41 -13.18
C GLN A 61 14.39 22.32 -13.79
N GLN A 62 14.96 21.15 -14.04
CA GLN A 62 14.21 19.98 -14.53
C GLN A 62 13.02 19.62 -13.60
N TRP A 63 13.25 19.76 -12.30
CA TRP A 63 12.22 19.48 -11.31
C TRP A 63 11.15 20.53 -11.39
N GLU A 64 11.56 21.78 -11.53
CA GLU A 64 10.61 22.85 -11.65
C GLU A 64 9.76 22.74 -12.89
N GLN A 65 10.36 22.32 -14.00
CA GLN A 65 9.62 22.16 -15.23
C GLN A 65 8.63 21.00 -15.13
N LEU A 66 9.14 19.83 -14.73
CA LEU A 66 8.28 18.70 -14.50
C LEU A 66 7.11 19.07 -13.56
N GLN A 67 7.37 19.90 -12.54
CA GLN A 67 6.34 20.33 -11.60
C GLN A 67 5.29 21.15 -12.28
N HIS A 68 5.71 22.13 -13.07
CA HIS A 68 4.77 23.04 -13.75
C HIS A 68 3.84 22.26 -14.63
N THR A 69 4.39 21.30 -15.36
CA THR A 69 3.62 20.46 -16.25
C THR A 69 2.54 19.76 -15.48
N LEU A 70 2.95 19.12 -14.38
CA LEU A 70 2.06 18.31 -13.57
C LEU A 70 0.97 19.16 -12.89
N LEU A 71 1.34 20.38 -12.50
CA LEU A 71 0.41 21.26 -11.82
C LEU A 71 -0.66 21.77 -12.79
N VAL A 72 -0.23 22.06 -14.03
CA VAL A 72 -1.15 22.47 -15.08
C VAL A 72 -2.04 21.28 -15.44
N TYR A 73 -1.42 20.10 -15.52
CA TYR A 73 -2.16 18.85 -15.69
C TYR A 73 -3.26 18.68 -14.62
N ARG A 74 -2.92 18.85 -13.34
CA ARG A 74 -3.88 18.59 -12.28
C ARG A 74 -5.11 19.51 -12.42
N SER A 75 -4.88 20.80 -12.63
CA SER A 75 -5.92 21.81 -12.90
C SER A 75 -6.78 21.44 -14.09
N SER A 76 -6.11 21.07 -15.19
CA SER A 76 -6.79 20.77 -16.43
C SER A 76 -7.54 19.46 -16.32
N PHE A 77 -6.96 18.50 -15.60
CA PHE A 77 -7.63 17.24 -15.38
C PHE A 77 -8.93 17.51 -14.63
N THR A 78 -8.85 18.34 -13.62
CA THR A 78 -10.02 18.63 -12.79
C THR A 78 -11.16 19.18 -13.65
N ARG A 79 -10.96 20.33 -14.30
CA ARG A 79 -12.03 20.92 -15.13
C ARG A 79 -12.48 19.99 -16.28
N ASP A 80 -11.54 19.33 -16.93
CA ASP A 80 -11.86 18.45 -18.06
C ASP A 80 -12.75 17.26 -17.70
N ILE A 81 -12.57 16.70 -16.52
CA ILE A 81 -13.44 15.62 -16.06
C ILE A 81 -14.85 16.17 -15.84
N TRP A 82 -14.92 17.33 -15.18
CA TRP A 82 -16.19 18.01 -14.91
C TRP A 82 -17.02 18.30 -16.14
N GLU A 83 -16.34 18.66 -17.23
CA GLU A 83 -16.99 18.87 -18.52
C GLU A 83 -17.54 17.55 -19.08
N PHE A 84 -16.72 16.49 -19.08
CA PHE A 84 -17.18 15.15 -19.42
C PHE A 84 -18.35 14.71 -18.52
N VAL A 85 -18.40 15.24 -17.31
CA VAL A 85 -19.46 14.88 -16.37
C VAL A 85 -20.78 15.57 -16.74
N GLU A 86 -20.74 16.90 -16.86
CA GLU A 86 -21.92 17.71 -17.21
C GLU A 86 -22.42 17.39 -18.63
N LYS A 87 -21.50 17.34 -19.59
CA LYS A 87 -21.84 17.11 -21.00
C LYS A 87 -22.02 15.63 -21.38
N LEU A 88 -22.14 14.76 -20.39
CA LEU A 88 -22.46 13.34 -20.61
C LEU A 88 -23.23 12.74 -19.43
N HIS A 89 -23.69 13.62 -18.54
CA HIS A 89 -24.62 13.28 -17.44
C HIS A 89 -24.22 12.09 -16.60
N VAL A 90 -22.91 11.91 -16.40
CA VAL A 90 -22.38 10.78 -15.63
C VAL A 90 -22.65 10.95 -14.13
N GLU A 91 -22.65 9.82 -13.41
CA GLU A 91 -23.07 9.74 -12.01
C GLU A 91 -22.19 10.55 -11.03
N TYR A 92 -22.54 10.50 -9.75
CA TYR A 92 -21.79 11.16 -8.68
C TYR A 92 -21.91 10.34 -7.39
N PRO A 93 -20.85 10.29 -6.57
CA PRO A 93 -19.46 10.73 -6.80
C PRO A 93 -18.72 9.90 -7.86
N LEU A 94 -17.55 10.38 -8.29
CA LEU A 94 -16.65 9.63 -9.19
C LEU A 94 -15.30 9.43 -8.51
N GLU A 95 -14.75 8.23 -8.64
CA GLU A 95 -13.37 7.99 -8.22
C GLU A 95 -12.54 7.62 -9.44
N ILE A 96 -11.52 8.43 -9.73
CA ILE A 96 -10.59 8.12 -10.80
C ILE A 96 -9.24 7.86 -10.14
N GLN A 97 -8.55 6.84 -10.62
CA GLN A 97 -7.19 6.59 -10.20
C GLN A 97 -6.35 6.43 -11.45
N ILE A 98 -5.10 6.85 -11.39
CA ILE A 98 -4.17 6.67 -12.49
C ILE A 98 -2.91 6.04 -11.91
N ALA A 99 -2.39 5.04 -12.59
CA ALA A 99 -1.07 4.50 -12.30
C ALA A 99 -0.18 4.63 -13.53
N THR A 100 1.03 5.11 -13.31
CA THR A 100 1.98 5.35 -14.38
C THR A 100 3.35 5.04 -13.81
N GLY A 101 4.25 4.47 -14.63
CA GLY A 101 5.61 4.25 -14.18
C GLY A 101 6.53 3.62 -15.19
N CYS A 102 7.62 3.04 -14.69
CA CYS A 102 8.45 2.19 -15.50
C CYS A 102 9.39 1.35 -14.65
N GLU A 103 10.12 0.48 -15.30
CA GLU A 103 11.22 -0.25 -14.67
C GLU A 103 12.37 -0.41 -15.67
N LEU A 104 13.59 -0.42 -15.17
CA LEU A 104 14.76 -0.66 -16.02
C LEU A 104 15.04 -2.16 -16.17
N LEU A 105 14.80 -2.68 -17.38
CA LEU A 105 15.12 -4.06 -17.75
C LEU A 105 16.61 -4.15 -18.15
N PRO A 106 17.19 -5.38 -18.23
CA PRO A 106 18.59 -5.56 -18.66
C PRO A 106 18.94 -4.93 -20.02
N ARG A 107 20.24 -4.91 -20.35
CA ARG A 107 20.79 -4.25 -21.54
C ARG A 107 20.57 -2.73 -21.49
N ASN A 108 19.56 -2.22 -22.20
CA ASN A 108 19.17 -0.81 -22.16
C ASN A 108 17.66 -0.58 -22.35
N ILE A 109 16.92 -1.67 -22.53
CA ILE A 109 15.48 -1.63 -22.72
C ILE A 109 14.75 -1.20 -21.44
N SER A 110 13.75 -0.32 -21.60
CA SER A 110 12.91 0.16 -20.49
C SER A 110 11.46 0.28 -20.93
N GLU A 111 10.55 -0.42 -20.24
CA GLU A 111 9.13 -0.37 -20.59
C GLU A 111 8.36 0.51 -19.61
N SER A 112 7.59 1.46 -20.16
CA SER A 112 6.79 2.41 -19.38
C SER A 112 5.27 2.17 -19.58
N PHE A 113 4.44 2.76 -18.73
CA PHE A 113 2.99 2.53 -18.78
C PHE A 113 2.15 3.66 -18.15
N LEU A 114 0.89 3.72 -18.53
CA LEU A 114 -0.09 4.63 -17.91
C LEU A 114 -1.45 4.04 -18.14
N ARG A 115 -1.95 3.32 -17.15
CA ARG A 115 -3.34 2.84 -17.17
C ARG A 115 -4.14 3.65 -16.16
N ALA A 116 -5.47 3.62 -16.31
CA ALA A 116 -6.38 4.35 -15.39
C ALA A 116 -7.62 3.53 -15.05
N ALA A 117 -8.32 3.97 -14.01
CA ALA A 117 -9.47 3.27 -13.47
C ALA A 117 -10.61 4.21 -13.12
N PHE A 118 -11.80 3.77 -13.47
CA PHE A 118 -13.01 4.46 -13.15
C PHE A 118 -13.77 3.46 -12.30
N GLN A 119 -14.31 3.96 -11.19
CA GLN A 119 -15.13 3.17 -10.26
C GLN A 119 -14.50 1.85 -9.85
N GLY A 120 -13.18 1.85 -9.65
CA GLY A 120 -12.49 0.67 -9.13
C GLY A 120 -12.05 -0.39 -10.12
N ARG A 121 -12.24 -0.15 -11.42
CA ARG A 121 -11.74 -1.11 -12.41
C ARG A 121 -11.18 -0.42 -13.65
N ASP A 122 -10.30 -1.13 -14.35
CA ASP A 122 -9.67 -0.62 -15.56
C ASP A 122 -10.66 0.12 -16.47
N VAL A 123 -10.18 1.15 -17.14
CA VAL A 123 -11.04 1.88 -18.06
C VAL A 123 -10.35 2.26 -19.38
N LEU A 124 -9.09 2.69 -19.30
CA LEU A 124 -8.30 3.08 -20.46
C LEU A 124 -6.82 2.99 -20.14
N SER A 125 -5.98 3.07 -21.16
CA SER A 125 -4.55 3.11 -20.96
C SER A 125 -3.88 3.89 -22.10
N PHE A 126 -2.54 3.92 -22.11
CA PHE A 126 -1.80 4.63 -23.13
C PHE A 126 -0.80 3.69 -23.80
N GLN A 127 -1.01 3.43 -25.08
CA GLN A 127 -0.18 2.46 -25.82
C GLN A 127 0.63 3.11 -26.94
N GLY A 128 1.95 3.08 -26.81
CA GLY A 128 2.87 3.64 -27.80
C GLY A 128 2.72 5.13 -28.06
N MET A 129 1.61 5.50 -28.71
CA MET A 129 1.39 6.86 -29.21
C MET A 129 -0.04 7.36 -29.02
N SER A 130 -0.94 6.49 -28.54
CA SER A 130 -2.37 6.80 -28.48
C SER A 130 -3.11 6.18 -27.27
N TRP A 131 -4.22 6.82 -26.88
CA TRP A 131 -5.16 6.29 -25.88
C TRP A 131 -5.96 5.11 -26.39
N VAL A 132 -5.80 3.97 -25.74
CA VAL A 132 -6.61 2.78 -26.03
C VAL A 132 -7.53 2.43 -24.86
N SER A 133 -8.81 2.24 -25.16
CA SER A 133 -9.81 1.90 -24.15
C SER A 133 -9.59 0.47 -23.63
N ALA A 134 -10.03 0.20 -22.41
CA ALA A 134 -9.89 -1.13 -21.81
C ALA A 134 -11.13 -1.97 -22.15
N PRO A 135 -10.94 -3.27 -22.45
CA PRO A 135 -12.06 -4.16 -22.82
C PRO A 135 -13.20 -4.16 -21.79
N ASP A 136 -14.44 -4.14 -22.29
CA ASP A 136 -15.65 -4.17 -21.45
C ASP A 136 -15.71 -3.03 -20.42
N ALA A 137 -15.76 -1.80 -20.93
CA ALA A 137 -15.82 -0.59 -20.08
C ALA A 137 -17.09 0.22 -20.37
N PRO A 138 -17.56 1.04 -19.40
CA PRO A 138 -18.82 1.81 -19.54
C PRO A 138 -18.99 2.48 -20.92
N PRO A 139 -20.24 2.65 -21.39
CA PRO A 139 -20.49 3.06 -22.79
C PRO A 139 -19.73 4.34 -23.23
N PHE A 140 -19.80 5.39 -22.42
CA PHE A 140 -19.29 6.72 -22.74
C PHE A 140 -17.76 6.87 -22.93
N ILE A 141 -16.95 5.98 -22.33
CA ILE A 141 -15.48 6.16 -22.40
C ILE A 141 -14.88 5.90 -23.79
N GLN A 142 -15.59 5.17 -24.63
CA GLN A 142 -15.21 5.06 -26.05
C GLN A 142 -15.31 6.44 -26.70
N GLU A 143 -16.21 7.27 -26.16
CA GLU A 143 -16.45 8.62 -26.65
C GLU A 143 -15.51 9.64 -25.96
N VAL A 144 -15.08 9.34 -24.74
CA VAL A 144 -14.04 10.14 -24.06
C VAL A 144 -12.70 9.91 -24.78
N ILE A 145 -12.43 8.65 -25.13
CA ILE A 145 -11.28 8.27 -25.97
C ILE A 145 -11.27 9.00 -27.32
N LYS A 146 -12.45 9.27 -27.88
CA LYS A 146 -12.54 10.04 -29.14
C LYS A 146 -11.92 11.42 -28.97
N VAL A 147 -12.33 12.14 -27.92
CA VAL A 147 -11.84 13.50 -27.64
C VAL A 147 -10.35 13.53 -27.30
N LEU A 148 -9.95 12.67 -26.37
CA LEU A 148 -8.56 12.57 -25.92
C LEU A 148 -7.60 12.27 -27.08
N ASN A 149 -8.07 11.50 -28.06
CA ASN A 149 -7.23 11.26 -29.23
C ASN A 149 -7.16 12.39 -30.26
N GLN A 150 -7.99 13.42 -30.07
CA GLN A 150 -7.96 14.61 -30.91
C GLN A 150 -7.19 15.76 -30.26
N ASN A 151 -6.53 15.47 -29.14
CA ASN A 151 -5.72 16.46 -28.45
C ASN A 151 -4.23 16.13 -28.57
N GLN A 152 -3.65 16.48 -29.72
CA GLN A 152 -2.26 16.18 -30.07
C GLN A 152 -1.26 16.53 -28.97
N GLY A 153 -1.51 17.65 -28.29
CA GLY A 153 -0.59 18.18 -27.28
C GLY A 153 -0.48 17.28 -26.06
N THR A 154 -1.63 16.90 -25.50
CA THR A 154 -1.67 15.99 -24.38
C THR A 154 -1.03 14.65 -24.73
N LYS A 155 -1.31 14.16 -25.93
CA LYS A 155 -0.77 12.88 -26.36
C LYS A 155 0.74 12.98 -26.46
N GLU A 156 1.24 14.07 -27.05
CA GLU A 156 2.67 14.33 -27.11
C GLU A 156 3.32 14.41 -25.73
N THR A 157 2.70 15.16 -24.83
CA THR A 157 3.23 15.36 -23.48
C THR A 157 3.30 14.04 -22.69
N VAL A 158 2.28 13.19 -22.83
CA VAL A 158 2.27 11.88 -22.18
C VAL A 158 3.40 11.02 -22.72
N HIS A 159 3.61 11.05 -24.03
CA HIS A 159 4.64 10.25 -24.65
C HIS A 159 6.00 10.60 -24.11
N TRP A 160 6.27 11.89 -24.04
CA TRP A 160 7.52 12.47 -23.52
C TRP A 160 7.76 12.04 -22.09
N LEU A 161 6.72 12.17 -21.27
CA LEU A 161 6.78 11.75 -19.88
C LEU A 161 7.21 10.29 -19.77
N LEU A 162 6.50 9.42 -20.46
CA LEU A 162 6.74 8.00 -20.32
C LEU A 162 8.08 7.62 -20.88
N HIS A 163 8.51 8.30 -21.94
CA HIS A 163 9.69 7.83 -22.66
C HIS A 163 10.96 8.62 -22.44
N ASP A 164 10.84 9.85 -21.96
CA ASP A 164 12.02 10.65 -21.60
C ASP A 164 12.11 10.91 -20.09
N ILE A 165 11.02 11.37 -19.47
CA ILE A 165 11.06 11.82 -18.07
C ILE A 165 11.17 10.70 -17.02
N TRP A 166 10.22 9.77 -17.00
CA TRP A 166 10.34 8.61 -16.10
C TRP A 166 11.66 7.86 -16.23
N PRO A 167 12.09 7.51 -17.46
CA PRO A 167 13.37 6.77 -17.48
C PRO A 167 14.56 7.57 -16.98
N GLU A 168 14.62 8.86 -17.28
CA GLU A 168 15.76 9.63 -16.80
C GLU A 168 15.66 9.85 -15.29
N LEU A 169 14.45 10.06 -14.79
CA LEU A 169 14.22 10.20 -13.35
C LEU A 169 14.61 8.92 -12.59
N VAL A 170 14.10 7.77 -13.02
CA VAL A 170 14.37 6.50 -12.33
C VAL A 170 15.84 6.10 -12.36
N ARG A 171 16.52 6.27 -13.50
CA ARG A 171 17.97 5.99 -13.52
C ARG A 171 18.69 6.76 -12.40
N GLY A 172 18.45 8.06 -12.29
CA GLY A 172 19.09 8.89 -11.26
C GLY A 172 18.69 8.57 -9.82
N VAL A 173 17.42 8.23 -9.62
CA VAL A 173 16.94 7.96 -8.25
C VAL A 173 17.35 6.56 -7.80
N LEU A 174 17.44 5.63 -8.77
CA LEU A 174 18.02 4.31 -8.50
C LEU A 174 19.46 4.43 -8.03
N GLN A 175 20.17 5.43 -8.53
CA GLN A 175 21.55 5.73 -8.13
C GLN A 175 21.66 6.35 -6.74
N THR A 176 20.98 7.48 -6.52
CA THR A 176 21.00 8.16 -5.20
C THR A 176 20.38 7.33 -4.08
N GLY A 177 19.34 6.57 -4.39
CA GLY A 177 18.70 5.73 -3.37
C GLY A 177 19.22 4.32 -3.23
N LYS A 178 20.31 3.98 -3.93
CA LYS A 178 20.87 2.61 -3.89
C LYS A 178 21.01 2.04 -2.47
N SER A 179 21.79 2.71 -1.63
CA SER A 179 22.08 2.17 -0.31
C SER A 179 20.83 1.93 0.54
N GLU A 180 19.87 2.84 0.50
CA GLU A 180 18.59 2.67 1.21
C GLU A 180 17.71 1.58 0.59
N LEU A 181 17.63 1.56 -0.73
CA LEU A 181 16.82 0.53 -1.43
C LEU A 181 17.33 -0.90 -1.20
N GLU A 182 18.64 -1.05 -1.10
CA GLU A 182 19.27 -2.37 -1.10
C GLU A 182 19.61 -2.81 0.31
N LYS A 183 19.16 -2.03 1.30
CA LYS A 183 19.52 -2.36 2.67
C LYS A 183 18.74 -3.58 3.15
N GLN A 184 19.17 -4.14 4.27
CA GLN A 184 18.66 -5.41 4.74
C GLN A 184 18.41 -5.23 6.21
N VAL A 185 17.19 -5.51 6.65
CA VAL A 185 16.86 -5.40 8.06
C VAL A 185 16.35 -6.73 8.58
N LYS A 186 17.02 -7.22 9.61
CA LYS A 186 16.68 -8.49 10.21
C LYS A 186 15.41 -8.40 11.08
N PRO A 187 14.51 -9.38 10.94
CA PRO A 187 13.32 -9.55 11.74
C PRO A 187 13.57 -9.98 13.19
N GLU A 188 12.72 -9.51 14.10
CA GLU A 188 12.47 -10.16 15.37
C GLU A 188 11.50 -11.30 15.04
N ALA A 189 11.43 -12.30 15.90
CA ALA A 189 10.36 -13.30 15.82
C ALA A 189 9.98 -13.72 17.22
N TRP A 190 8.72 -14.13 17.39
CA TRP A 190 8.23 -14.63 18.68
C TRP A 190 7.00 -15.47 18.54
N LEU A 191 6.79 -16.35 19.52
CA LEU A 191 5.66 -17.27 19.53
C LEU A 191 4.57 -16.86 20.54
N SER A 192 3.32 -17.18 20.22
CA SER A 192 2.22 -17.01 21.14
C SER A 192 1.16 -18.08 20.94
N SER A 193 0.36 -18.28 21.98
CA SER A 193 -0.78 -19.18 21.93
C SER A 193 -1.97 -18.32 21.55
N GLY A 194 -2.71 -18.70 20.51
CA GLY A 194 -3.79 -17.86 19.97
C GLY A 194 -5.17 -18.33 20.39
N PRO A 195 -6.24 -17.78 19.80
CA PRO A 195 -7.59 -18.27 20.14
C PRO A 195 -7.80 -19.75 19.83
N SER A 196 -8.44 -20.45 20.77
CA SER A 196 -8.70 -21.89 20.68
C SER A 196 -9.49 -22.35 19.44
N PRO A 197 -8.91 -23.30 18.70
CA PRO A 197 -9.60 -23.91 17.58
C PRO A 197 -10.59 -24.99 18.03
N GLY A 198 -10.52 -25.37 19.30
CA GLY A 198 -11.46 -26.33 19.89
C GLY A 198 -10.86 -26.92 21.17
N PRO A 199 -11.66 -27.74 21.89
CA PRO A 199 -11.15 -28.35 23.13
C PRO A 199 -9.99 -29.30 22.81
N GLY A 200 -8.87 -29.17 23.50
CA GLY A 200 -7.70 -30.00 23.23
C GLY A 200 -6.88 -29.58 22.02
N ARG A 201 -7.22 -28.43 21.43
CA ARG A 201 -6.49 -27.88 20.28
C ARG A 201 -5.75 -26.61 20.70
N LEU A 202 -4.68 -26.30 19.97
CA LEU A 202 -4.02 -24.99 20.12
C LEU A 202 -3.76 -24.33 18.77
N LEU A 203 -3.89 -23.00 18.77
CA LEU A 203 -3.47 -22.22 17.63
C LEU A 203 -2.08 -21.74 17.96
N LEU A 204 -1.07 -22.33 17.31
CA LEU A 204 0.29 -21.84 17.47
C LEU A 204 0.48 -20.67 16.51
N VAL A 205 1.08 -19.60 17.01
CA VAL A 205 1.18 -18.40 16.20
C VAL A 205 2.61 -17.99 16.25
N CYS A 206 3.20 -17.91 15.08
CA CYS A 206 4.55 -17.43 14.96
C CYS A 206 4.44 -16.04 14.38
N HIS A 207 5.10 -15.08 15.01
CA HIS A 207 5.10 -13.72 14.52
C HIS A 207 6.48 -13.33 14.08
N VAL A 208 6.57 -12.68 12.95
CA VAL A 208 7.84 -12.16 12.46
C VAL A 208 7.64 -10.71 12.11
N SER A 209 8.49 -9.85 12.65
CA SER A 209 8.29 -8.45 12.39
C SER A 209 9.57 -7.67 12.26
N GLY A 210 9.54 -6.66 11.37
CA GLY A 210 10.69 -5.77 11.25
C GLY A 210 11.68 -6.13 10.15
N PHE A 211 11.31 -7.00 9.22
CA PHE A 211 12.21 -7.30 8.08
C PHE A 211 11.99 -6.35 6.92
N TYR A 212 13.09 -5.99 6.28
CA TYR A 212 13.09 -5.35 4.98
C TYR A 212 14.21 -6.06 4.21
N PRO A 213 14.00 -6.35 2.90
CA PRO A 213 12.76 -6.17 2.11
C PRO A 213 11.67 -7.22 2.36
N LYS A 214 10.63 -7.16 1.56
CA LYS A 214 9.42 -7.95 1.78
C LYS A 214 9.51 -9.48 1.52
N PRO A 215 10.29 -9.93 0.51
CA PRO A 215 10.22 -11.40 0.33
C PRO A 215 10.75 -12.14 1.55
N VAL A 216 10.05 -13.20 1.97
CA VAL A 216 10.34 -13.85 3.27
C VAL A 216 9.69 -15.22 3.23
N ARG A 217 10.14 -16.14 4.08
CA ARG A 217 9.51 -17.46 4.14
C ARG A 217 9.46 -17.93 5.57
N VAL A 218 8.25 -18.18 6.06
CA VAL A 218 8.05 -18.53 7.46
C VAL A 218 7.17 -19.75 7.49
N MET A 219 7.68 -20.82 8.10
CA MET A 219 6.97 -22.09 8.13
C MET A 219 7.01 -22.72 9.53
N TRP A 220 5.93 -23.42 9.89
CA TRP A 220 5.93 -24.32 11.03
C TRP A 220 6.56 -25.65 10.65
N MET A 221 7.46 -26.13 11.51
CA MET A 221 8.30 -27.31 11.22
C MET A 221 8.21 -28.39 12.30
N ARG A 222 8.36 -29.64 11.87
CA ARG A 222 8.72 -30.75 12.74
C ARG A 222 9.97 -31.36 12.11
N GLY A 223 11.14 -30.99 12.64
CA GLY A 223 12.41 -31.38 12.02
C GLY A 223 12.56 -30.71 10.66
N GLU A 224 12.87 -31.52 9.65
CA GLU A 224 13.05 -31.02 8.27
C GLU A 224 11.75 -31.14 7.46
N GLN A 225 10.73 -31.77 8.03
CA GLN A 225 9.43 -31.88 7.37
C GLN A 225 8.56 -30.68 7.76
N GLU A 226 8.17 -29.90 6.74
CA GLU A 226 7.28 -28.77 6.92
C GLU A 226 5.92 -29.27 7.37
N GLU A 227 5.35 -28.63 8.38
CA GLU A 227 4.01 -28.99 8.81
C GLU A 227 2.99 -28.34 7.86
N PRO A 228 2.14 -29.16 7.20
CA PRO A 228 1.02 -28.53 6.51
C PRO A 228 -0.11 -28.32 7.54
N GLY A 229 -1.02 -27.42 7.20
CA GLY A 229 -1.98 -26.90 8.17
C GLY A 229 -1.55 -25.50 8.53
N THR A 230 -0.33 -25.17 8.13
CA THR A 230 0.27 -23.86 8.29
C THR A 230 -0.53 -22.87 7.43
N ARG A 231 -1.13 -21.88 8.10
CA ARG A 231 -1.88 -20.84 7.41
C ARG A 231 -1.11 -19.52 7.42
N GLN A 232 -0.71 -19.07 6.23
CA GLN A 232 0.02 -17.81 6.08
C GLN A 232 -0.89 -16.61 6.32
N GLY A 233 -0.44 -15.65 7.12
CA GLY A 233 -1.12 -14.38 7.12
C GLY A 233 -0.74 -13.61 5.88
N ASP A 234 -1.33 -12.43 5.72
CA ASP A 234 -0.86 -11.46 4.73
C ASP A 234 0.33 -10.76 5.36
N VAL A 235 1.23 -10.30 4.51
CA VAL A 235 2.39 -9.55 4.93
C VAL A 235 1.95 -8.11 4.98
N MET A 236 2.22 -7.46 6.11
CA MET A 236 1.54 -6.21 6.44
C MET A 236 2.58 -5.21 6.87
N PRO A 237 2.37 -3.94 6.52
CA PRO A 237 3.41 -2.98 6.77
C PRO A 237 3.44 -2.47 8.19
N ASN A 238 4.65 -2.15 8.64
CA ASN A 238 4.91 -1.34 9.80
C ASN A 238 5.22 0.08 9.33
N ALA A 239 5.18 1.06 10.24
CA ALA A 239 5.36 2.47 9.88
C ALA A 239 6.76 2.85 9.44
N ASP A 240 7.76 2.05 9.85
CA ASP A 240 9.18 2.31 9.50
C ASP A 240 9.63 1.59 8.21
N SER A 241 8.68 1.24 7.35
CA SER A 241 9.00 0.58 6.08
C SER A 241 9.60 -0.82 6.26
N THR A 242 9.34 -1.43 7.41
CA THR A 242 9.61 -2.84 7.59
C THR A 242 8.27 -3.56 7.48
N TRP A 243 8.26 -4.89 7.66
CA TRP A 243 7.03 -5.68 7.50
C TRP A 243 6.72 -6.57 8.65
N TYR A 244 5.52 -7.16 8.60
CA TYR A 244 5.02 -8.00 9.67
C TYR A 244 4.25 -9.11 9.02
N LEU A 245 4.35 -10.30 9.58
CA LEU A 245 3.65 -11.48 9.08
C LEU A 245 3.41 -12.39 10.26
N ARG A 246 2.21 -12.98 10.36
CA ARG A 246 1.96 -14.05 11.33
C ARG A 246 1.57 -15.34 10.62
N VAL A 247 2.17 -16.44 11.06
CA VAL A 247 1.90 -17.76 10.50
C VAL A 247 1.38 -18.72 11.60
N THR A 248 0.24 -19.35 11.34
CA THR A 248 -0.47 -20.11 12.36
C THR A 248 -0.64 -21.58 12.06
N LEU A 249 -0.81 -22.36 13.14
CA LEU A 249 -0.97 -23.82 13.07
C LEU A 249 -2.05 -24.28 14.05
N ASP A 250 -3.03 -25.02 13.53
CA ASP A 250 -4.12 -25.60 14.30
C ASP A 250 -3.73 -27.04 14.59
N VAL A 251 -3.32 -27.30 15.82
CA VAL A 251 -2.73 -28.58 16.22
C VAL A 251 -3.35 -29.12 17.51
N ALA A 252 -3.32 -30.44 17.67
CA ALA A 252 -3.78 -31.08 18.90
C ALA A 252 -2.78 -30.78 20.01
N ALA A 253 -3.28 -30.38 21.17
CA ALA A 253 -2.43 -29.98 22.29
C ALA A 253 -1.45 -31.08 22.66
N GLY A 254 -1.82 -32.32 22.33
CA GLY A 254 -0.97 -33.49 22.52
C GLY A 254 0.27 -33.46 21.67
N GLU A 255 0.12 -33.18 20.38
CA GLU A 255 1.24 -33.27 19.42
C GLU A 255 2.10 -32.02 19.30
N VAL A 256 2.04 -31.17 20.32
CA VAL A 256 2.67 -29.85 20.25
C VAL A 256 4.18 -29.88 20.47
N ALA A 257 4.67 -30.96 21.06
CA ALA A 257 6.09 -31.10 21.38
C ALA A 257 6.93 -31.38 20.14
N GLY A 258 8.05 -30.65 20.03
CA GLY A 258 8.95 -30.79 18.89
C GLY A 258 8.66 -29.86 17.72
N LEU A 259 7.59 -29.07 17.83
CA LEU A 259 7.26 -28.14 16.77
C LEU A 259 8.10 -26.88 16.88
N SER A 260 8.42 -26.30 15.74
CA SER A 260 9.17 -25.07 15.73
C SER A 260 8.68 -24.19 14.58
N CYS A 261 9.08 -22.93 14.64
CA CYS A 261 8.79 -21.97 13.59
C CYS A 261 10.12 -21.55 12.99
N GLN A 262 10.24 -21.65 11.68
CA GLN A 262 11.49 -21.34 11.02
C GLN A 262 11.27 -20.10 10.14
N VAL A 263 12.19 -19.14 10.25
CA VAL A 263 12.15 -17.90 9.49
C VAL A 263 13.31 -17.74 8.49
N LYS A 264 13.00 -17.79 7.19
CA LYS A 264 13.99 -17.53 6.13
C LYS A 264 13.81 -16.11 5.59
N HIS A 265 14.87 -15.32 5.63
CA HIS A 265 14.86 -13.98 5.05
C HIS A 265 16.19 -13.62 4.48
N SER A 266 16.16 -12.88 3.36
CA SER A 266 17.38 -12.43 2.68
C SER A 266 18.38 -11.73 3.59
N SER A 267 17.92 -11.16 4.70
CA SER A 267 18.83 -10.45 5.61
C SER A 267 19.66 -11.39 6.49
N LEU A 268 19.20 -12.63 6.65
CA LEU A 268 19.82 -13.58 7.57
C LEU A 268 20.91 -14.47 6.94
N GLY A 269 20.90 -14.58 5.62
CA GLY A 269 21.87 -15.41 4.88
C GLY A 269 21.33 -16.80 4.71
N ASP A 270 22.10 -17.79 5.15
CA ASP A 270 21.63 -19.17 5.25
C ASP A 270 21.45 -19.51 6.74
N GLN A 271 21.46 -18.46 7.58
CA GLN A 271 21.27 -18.60 9.02
C GLN A 271 19.83 -18.29 9.47
N ASP A 272 18.89 -19.17 9.14
CA ASP A 272 17.47 -19.02 9.53
C ASP A 272 17.28 -18.74 11.02
N ILE A 273 16.25 -17.96 11.38
CA ILE A 273 15.84 -17.89 12.78
C ILE A 273 14.98 -19.13 13.05
N ILE A 274 15.23 -19.80 14.17
CA ILE A 274 14.44 -20.97 14.54
C ILE A 274 13.87 -20.74 15.93
N LEU A 275 12.58 -21.05 16.12
CA LEU A 275 11.95 -20.98 17.46
C LEU A 275 11.11 -22.22 17.76
N TYR A 276 11.48 -22.90 18.86
CA TYR A 276 10.75 -24.07 19.36
C TYR A 276 9.63 -23.64 20.28
N TRP A 277 8.52 -24.34 20.19
CA TRP A 277 7.43 -24.18 21.14
C TRP A 277 7.80 -24.69 22.51
N HIS A 278 7.70 -23.84 23.53
CA HIS A 278 7.99 -24.20 24.92
C HIS A 278 6.73 -24.21 25.73
N ILE B 1 -16.71 -2.13 -8.24
CA ILE B 1 -17.25 -0.78 -7.93
C ILE B 1 -17.04 -0.49 -6.44
N GLN B 2 -17.60 -1.35 -5.59
CA GLN B 2 -17.56 -1.14 -4.13
C GLN B 2 -17.04 -2.34 -3.36
N ARG B 3 -16.04 -2.10 -2.52
CA ARG B 3 -15.38 -3.16 -1.74
C ARG B 3 -15.29 -2.76 -0.27
N PRO B 4 -15.60 -3.70 0.65
CA PRO B 4 -15.49 -3.43 2.09
C PRO B 4 -14.05 -3.55 2.62
N PRO B 5 -13.73 -2.84 3.72
CA PRO B 5 -12.36 -2.89 4.25
C PRO B 5 -12.02 -4.21 4.94
N LYS B 6 -10.79 -4.66 4.77
CA LYS B 6 -10.27 -5.73 5.58
C LYS B 6 -9.41 -5.02 6.59
N ILE B 7 -9.36 -5.56 7.81
CA ILE B 7 -8.79 -4.85 8.93
C ILE B 7 -7.97 -5.83 9.74
N GLN B 8 -6.75 -5.44 10.05
CA GLN B 8 -5.93 -6.30 10.86
C GLN B 8 -5.26 -5.41 11.87
N VAL B 9 -5.03 -5.93 13.06
CA VAL B 9 -4.44 -5.16 14.13
C VAL B 9 -3.35 -6.02 14.68
N TYR B 10 -2.23 -5.37 14.97
CA TYR B 10 -1.04 -6.07 15.42
C TYR B 10 -0.12 -5.01 16.00
N SER B 11 0.72 -5.40 16.96
CA SER B 11 1.76 -4.52 17.46
C SER B 11 3.07 -4.70 16.66
N ARG B 12 3.86 -3.64 16.62
CA ARG B 12 5.15 -3.59 16.00
C ARG B 12 6.16 -4.56 16.63
N HIS B 13 6.17 -4.61 17.97
CA HIS B 13 7.15 -5.41 18.72
C HIS B 13 6.47 -6.46 19.55
N PRO B 14 7.21 -7.46 20.08
CA PRO B 14 6.57 -8.41 20.98
C PRO B 14 5.91 -7.62 22.12
N PRO B 15 4.64 -7.92 22.41
CA PRO B 15 3.88 -7.11 23.38
C PRO B 15 4.19 -7.42 24.86
N GLU B 16 5.21 -6.76 25.42
CA GLU B 16 5.57 -6.96 26.82
C GLU B 16 5.01 -5.83 27.67
N ASP B 17 4.20 -6.19 28.68
CA ASP B 17 3.58 -5.22 29.59
C ASP B 17 4.62 -4.27 30.16
N GLY B 18 4.37 -2.98 30.05
CA GLY B 18 5.32 -2.00 30.52
C GLY B 18 6.15 -1.38 29.41
N LYS B 19 6.69 -2.21 28.52
CA LYS B 19 7.56 -1.69 27.46
C LYS B 19 6.78 -0.92 26.37
N PRO B 20 7.17 0.34 26.10
CA PRO B 20 6.60 1.11 25.00
C PRO B 20 6.64 0.33 23.70
N ASN B 21 5.60 0.54 22.88
CA ASN B 21 5.41 -0.22 21.66
C ASN B 21 4.64 0.62 20.62
N TYR B 22 4.26 0.00 19.51
CA TYR B 22 3.49 0.65 18.47
C TYR B 22 2.38 -0.27 18.12
N LEU B 23 1.18 0.30 18.09
CA LEU B 23 -0.02 -0.42 17.72
C LEU B 23 -0.30 -0.07 16.29
N ASN B 24 -0.54 -1.11 15.47
CA ASN B 24 -0.79 -0.92 14.06
C ASN B 24 -2.16 -1.42 13.75
N CYS B 25 -2.87 -0.63 12.96
CA CYS B 25 -4.14 -1.02 12.40
C CYS B 25 -4.02 -0.85 10.89
N TYR B 26 -4.26 -1.93 10.16
CA TYR B 26 -4.01 -1.95 8.75
C TYR B 26 -5.33 -2.19 8.04
N VAL B 27 -5.76 -1.19 7.28
CA VAL B 27 -7.01 -1.25 6.56
C VAL B 27 -6.73 -1.28 5.06
N TYR B 28 -7.29 -2.27 4.38
CA TYR B 28 -6.97 -2.52 2.98
C TYR B 28 -8.12 -3.15 2.20
N GLY B 29 -7.89 -3.31 0.90
CA GLY B 29 -8.84 -3.90 -0.01
C GLY B 29 -10.13 -3.12 -0.26
N PHE B 30 -10.20 -1.88 0.20
CA PHE B 30 -11.45 -1.10 0.08
C PHE B 30 -11.58 -0.18 -1.14
N HIS B 31 -12.77 0.39 -1.32
CA HIS B 31 -13.15 1.26 -2.45
C HIS B 31 -14.60 1.61 -2.28
N PRO B 32 -14.96 2.91 -2.27
CA PRO B 32 -14.22 4.17 -2.48
C PRO B 32 -13.15 4.48 -1.43
N PRO B 33 -12.17 5.35 -1.78
CA PRO B 33 -11.06 5.67 -0.88
C PRO B 33 -11.45 6.45 0.37
N GLN B 34 -12.67 7.00 0.43
CA GLN B 34 -13.12 7.76 1.61
C GLN B 34 -13.26 6.80 2.81
N ILE B 35 -12.55 7.06 3.90
CA ILE B 35 -12.53 6.13 5.04
C ILE B 35 -12.10 6.87 6.30
N GLU B 36 -12.51 6.37 7.46
CA GLU B 36 -12.04 6.93 8.71
C GLU B 36 -11.54 5.81 9.62
N ILE B 37 -10.33 5.96 10.16
CA ILE B 37 -9.69 4.96 11.00
C ILE B 37 -9.24 5.55 12.32
N ASP B 38 -9.87 5.09 13.40
CA ASP B 38 -9.54 5.53 14.76
C ASP B 38 -9.00 4.37 15.56
N LEU B 39 -7.94 4.62 16.32
CA LEU B 39 -7.40 3.64 17.25
C LEU B 39 -7.92 3.98 18.64
N LEU B 40 -8.48 2.98 19.33
CA LEU B 40 -9.12 3.24 20.64
C LEU B 40 -8.46 2.52 21.81
N LYS B 41 -8.25 3.25 22.90
CA LYS B 41 -7.88 2.67 24.18
C LYS B 41 -9.14 2.64 25.06
N ASN B 42 -9.56 1.43 25.45
CA ASN B 42 -10.76 1.22 26.26
C ASN B 42 -11.96 2.05 25.78
N GLY B 43 -12.10 2.15 24.47
CA GLY B 43 -13.22 2.88 23.86
C GLY B 43 -12.93 4.31 23.44
N GLU B 44 -11.85 4.91 23.99
CA GLU B 44 -11.52 6.34 23.73
C GLU B 44 -10.41 6.56 22.67
N LYS B 45 -10.69 7.42 21.68
CA LYS B 45 -9.74 7.73 20.60
C LYS B 45 -8.38 8.19 21.12
N ILE B 46 -7.32 7.63 20.56
CA ILE B 46 -5.96 8.02 20.98
C ILE B 46 -5.21 8.70 19.83
N LYS B 47 -4.11 9.38 20.14
CA LYS B 47 -3.32 10.08 19.12
C LYS B 47 -2.57 9.07 18.23
N SER B 48 -2.91 9.10 16.94
CA SER B 48 -2.36 8.15 15.98
C SER B 48 -1.92 8.82 14.68
N GLU B 49 -1.07 8.12 13.92
CA GLU B 49 -0.58 8.63 12.64
C GLU B 49 -0.99 7.70 11.51
N GLN B 50 -1.30 8.32 10.38
CA GLN B 50 -1.79 7.60 9.24
C GLN B 50 -0.79 7.84 8.12
N SER B 51 -0.49 6.79 7.35
CA SER B 51 0.34 6.93 6.15
C SER B 51 -0.51 7.59 5.05
N ASP B 52 0.12 8.07 3.97
CA ASP B 52 -0.61 8.48 2.75
C ASP B 52 -1.46 7.35 2.24
N LEU B 53 -2.63 7.68 1.71
CA LEU B 53 -3.45 6.66 1.11
C LEU B 53 -2.80 6.11 -0.18
N SER B 54 -2.93 4.82 -0.41
CA SER B 54 -2.31 4.23 -1.59
C SER B 54 -3.21 3.15 -2.17
N PHE B 55 -2.83 2.60 -3.31
CA PHE B 55 -3.55 1.47 -3.88
C PHE B 55 -2.69 0.39 -4.57
N SER B 56 -3.24 -0.81 -4.63
CA SER B 56 -2.55 -1.99 -5.16
C SER B 56 -2.85 -2.20 -6.64
N LYS B 57 -2.27 -3.25 -7.22
CA LYS B 57 -2.50 -3.61 -8.63
C LYS B 57 -3.97 -3.53 -9.08
N ASP B 58 -4.88 -3.98 -8.22
CA ASP B 58 -6.31 -4.12 -8.59
C ASP B 58 -7.18 -2.93 -8.18
N TRP B 59 -6.53 -1.80 -7.88
CA TRP B 59 -7.17 -0.50 -7.68
C TRP B 59 -7.80 -0.28 -6.32
N SER B 60 -7.74 -1.29 -5.45
CA SER B 60 -8.26 -1.17 -4.09
C SER B 60 -7.28 -0.46 -3.16
N PHE B 61 -7.79 0.26 -2.16
CA PHE B 61 -6.95 1.12 -1.33
C PHE B 61 -6.43 0.47 -0.04
N TYR B 62 -5.40 1.07 0.54
CA TYR B 62 -4.90 0.59 1.81
C TYR B 62 -4.28 1.75 2.55
N LEU B 63 -4.16 1.59 3.87
CA LEU B 63 -3.83 2.70 4.74
C LEU B 63 -3.33 2.11 6.02
N LEU B 64 -2.24 2.65 6.55
CA LEU B 64 -1.71 2.17 7.83
C LEU B 64 -1.83 3.27 8.85
N SER B 65 -2.50 2.94 9.93
CA SER B 65 -2.69 3.86 11.02
C SER B 65 -1.96 3.27 12.21
N HIS B 66 -1.03 4.02 12.80
CA HIS B 66 -0.29 3.53 13.96
C HIS B 66 -0.24 4.53 15.08
N ALA B 67 -0.11 4.04 16.30
CA ALA B 67 -0.01 4.92 17.46
C ALA B 67 0.85 4.28 18.49
N GLU B 68 1.58 5.11 19.25
CA GLU B 68 2.31 4.66 20.44
C GLU B 68 1.35 4.17 21.50
N PHE B 69 1.77 3.14 22.23
CA PHE B 69 1.00 2.62 23.36
C PHE B 69 1.90 1.78 24.23
N THR B 70 1.50 1.61 25.48
CA THR B 70 2.20 0.74 26.41
C THR B 70 1.20 -0.28 26.94
N PRO B 71 1.30 -1.53 26.45
CA PRO B 71 0.32 -2.52 26.85
C PRO B 71 0.56 -2.93 28.29
N ASN B 72 -0.52 -3.34 28.96
CA ASN B 72 -0.44 -3.83 30.33
C ASN B 72 -1.49 -4.89 30.58
N SER B 73 -1.71 -5.22 31.85
CA SER B 73 -2.68 -6.24 32.24
C SER B 73 -4.13 -5.83 31.94
N LYS B 74 -4.52 -4.62 32.36
CA LYS B 74 -5.92 -4.18 32.36
C LYS B 74 -6.41 -3.60 31.02
N ASP B 75 -5.63 -2.70 30.41
CA ASP B 75 -6.08 -1.92 29.24
C ASP B 75 -6.31 -2.74 27.97
N GLN B 76 -7.46 -2.53 27.32
CA GLN B 76 -7.70 -3.18 26.02
C GLN B 76 -7.85 -2.20 24.86
N TYR B 77 -7.29 -2.60 23.72
CA TYR B 77 -7.16 -1.73 22.55
C TYR B 77 -8.00 -2.21 21.39
N SER B 78 -8.24 -1.32 20.43
CA SER B 78 -9.02 -1.70 19.26
C SER B 78 -8.90 -0.68 18.10
N CYS B 79 -9.49 -1.01 16.96
CA CYS B 79 -9.48 -0.11 15.82
C CYS B 79 -10.91 0.03 15.32
N ARG B 80 -11.35 1.27 15.13
CA ARG B 80 -12.70 1.55 14.62
C ARG B 80 -12.65 2.06 13.18
N VAL B 81 -13.46 1.46 12.30
CA VAL B 81 -13.42 1.83 10.92
C VAL B 81 -14.81 2.16 10.40
N LYS B 82 -14.94 3.39 9.91
CA LYS B 82 -16.15 3.83 9.24
C LYS B 82 -15.89 3.93 7.73
N HIS B 83 -16.77 3.28 6.98
CA HIS B 83 -16.73 3.26 5.53
C HIS B 83 -18.15 3.18 5.03
N VAL B 84 -18.36 3.54 3.75
CA VAL B 84 -19.69 3.61 3.18
C VAL B 84 -20.35 2.24 3.03
N THR B 85 -19.56 1.18 3.15
CA THR B 85 -20.06 -0.18 3.04
C THR B 85 -20.41 -0.78 4.40
N LEU B 86 -20.34 0.03 5.44
CA LEU B 86 -20.59 -0.40 6.82
C LEU B 86 -21.63 0.50 7.49
N GLU B 87 -22.81 -0.06 7.77
CA GLU B 87 -23.94 0.67 8.36
C GLU B 87 -23.63 1.14 9.79
N GLN B 88 -22.93 0.30 10.54
CA GLN B 88 -22.33 0.71 11.81
C GLN B 88 -20.81 0.68 11.69
N PRO B 89 -20.13 1.61 12.39
CA PRO B 89 -18.67 1.58 12.40
C PRO B 89 -18.18 0.19 12.82
N ARG B 90 -17.27 -0.39 12.03
CA ARG B 90 -16.74 -1.71 12.38
C ARG B 90 -15.62 -1.58 13.41
N ILE B 91 -15.60 -2.48 14.38
CA ILE B 91 -14.59 -2.42 15.44
C ILE B 91 -13.82 -3.75 15.52
N VAL B 92 -12.51 -3.64 15.64
CA VAL B 92 -11.67 -4.81 15.69
C VAL B 92 -10.78 -4.70 16.91
N LYS B 93 -10.86 -5.72 17.76
CA LYS B 93 -10.09 -5.72 18.99
C LYS B 93 -8.67 -6.13 18.71
N TRP B 94 -7.75 -5.56 19.48
CA TRP B 94 -6.38 -6.02 19.51
C TRP B 94 -6.31 -7.24 20.37
N ASP B 95 -5.82 -8.34 19.79
CA ASP B 95 -5.51 -9.54 20.54
C ASP B 95 -4.01 -9.67 20.57
N ARG B 96 -3.41 -9.40 21.73
CA ARG B 96 -1.97 -9.57 21.97
C ARG B 96 -1.42 -10.91 21.46
N ASP B 97 -2.24 -11.95 21.57
CA ASP B 97 -1.84 -13.31 21.24
C ASP B 97 -1.90 -13.60 19.75
N LEU B 98 -2.72 -12.84 19.03
CA LEU B 98 -2.93 -13.06 17.60
C LEU B 98 -2.88 -11.74 16.82
#